data_6I0P
#
_entry.id   6I0P
#
_cell.length_a   55.500
_cell.length_b   48.700
_cell.length_c   60.600
_cell.angle_alpha   90.000
_cell.angle_beta   107.000
_cell.angle_gamma   90.000
#
_symmetry.space_group_name_H-M   'P 1 21 1'
#
loop_
_entity.id
_entity.type
_entity.pdbx_description
1 polymer 'Quinolinate synthase A'
2 non-polymer 'IRON/SULFUR CLUSTER'
3 non-polymer '6-mercaptopyridine-2,3-dicarboxylic acid'
4 non-polymer 'CHLORIDE ION'
5 non-polymer 'PHOSPHATE ION'
6 water water
#
_entity_poly.entity_id   1
_entity_poly.type   'polypeptide(L)'
_entity_poly.pdbx_seq_one_letter_code
;MHHHHHHMVDEILKLKKEKGYIILAHNFQIPELQDIADFVGDSLQLARKAMELSEKKILFLGVDFMAELVKILNPDKKVI
VPDRSATCPMANRLTPEIIREYREKFPDAPVVLYVNSTSECKTLADVICTSANAVEVVKKLDSSVVIFGPDRNLGEYVAE
KTGKKVITIPENGHCPVHQFNAESIDAVRKKYPDAKVIVHPECPKPVRDKADYVGSTGQMEKIPERDPSRIFVIGTEIGM
IHKLKKKFPDREFVPLEMAVCVNMKKNTLENTLHALQTESFEVILPKEVIEKAKKPILRMFELMG
;
_entity_poly.pdbx_strand_id   A
#
# COMPACT_ATOMS: atom_id res chain seq x y z
N HIS A 5 13.61 -14.64 19.92
CA HIS A 5 12.95 -14.73 18.58
C HIS A 5 12.41 -16.14 18.36
N HIS A 6 13.22 -17.16 18.64
CA HIS A 6 12.73 -18.56 18.67
C HIS A 6 11.52 -18.62 19.63
N HIS A 7 11.73 -18.18 20.90
CA HIS A 7 10.67 -18.02 21.93
C HIS A 7 9.52 -17.23 21.30
N MET A 8 9.80 -16.01 20.85
CA MET A 8 8.71 -15.12 20.42
C MET A 8 7.96 -15.74 19.25
N VAL A 9 8.67 -16.28 18.26
CA VAL A 9 7.99 -16.86 17.07
C VAL A 9 7.07 -18.01 17.50
N ASP A 10 7.57 -18.93 18.33
CA ASP A 10 6.77 -20.09 18.77
C ASP A 10 5.56 -19.63 19.57
N GLU A 11 5.77 -18.67 20.47
CA GLU A 11 4.69 -18.17 21.34
C GLU A 11 3.61 -17.51 20.46
N ILE A 12 4.02 -16.69 19.47
CA ILE A 12 3.11 -16.06 18.49
C ILE A 12 2.31 -17.13 17.77
N LEU A 13 2.99 -18.12 17.20
CA LEU A 13 2.28 -19.17 16.43
C LEU A 13 1.29 -19.89 17.35
N LYS A 14 1.69 -20.10 18.60
CA LYS A 14 0.85 -20.78 19.60
C LYS A 14 -0.38 -19.93 19.95
N LEU A 15 -0.19 -18.65 20.24
CA LEU A 15 -1.33 -17.80 20.63
C LEU A 15 -2.26 -17.55 19.44
N LYS A 16 -1.73 -17.45 18.21
CA LYS A 16 -2.59 -17.19 17.04
C LYS A 16 -3.55 -18.37 16.89
N LYS A 17 -3.03 -19.59 16.96
CA LYS A 17 -3.86 -20.81 16.82
C LYS A 17 -4.88 -20.85 17.95
N GLU A 18 -4.41 -20.67 19.18
CA GLU A 18 -5.24 -20.79 20.40
C GLU A 18 -6.40 -19.78 20.39
N LYS A 19 -6.19 -18.55 19.92
CA LYS A 19 -7.23 -17.50 20.05
C LYS A 19 -7.97 -17.24 18.72
N GLY A 20 -7.71 -18.06 17.70
CA GLY A 20 -8.42 -17.99 16.41
C GLY A 20 -8.10 -16.73 15.59
N TYR A 21 -6.85 -16.25 15.64
CA TYR A 21 -6.38 -15.11 14.80
C TYR A 21 -5.78 -15.59 13.49
N ILE A 22 -6.10 -14.86 12.41
CA ILE A 22 -5.34 -14.87 11.16
C ILE A 22 -4.46 -13.63 11.17
N ILE A 23 -3.17 -13.81 10.84
CA ILE A 23 -2.20 -12.70 10.76
C ILE A 23 -2.06 -12.29 9.29
N LEU A 24 -2.33 -11.02 8.99
CA LEU A 24 -2.17 -10.42 7.67
C LEU A 24 -1.05 -9.40 7.76
N ALA A 25 -0.03 -9.51 6.89
CA ALA A 25 1.14 -8.64 6.95
C ALA A 25 1.35 -7.92 5.63
N HIS A 26 1.57 -6.63 5.68
CA HIS A 26 1.93 -5.86 4.48
C HIS A 26 3.34 -6.26 4.02
N ASN A 27 3.58 -6.06 2.72
CA ASN A 27 4.84 -6.30 2.04
C ASN A 27 5.99 -5.54 2.70
N PHE A 28 5.71 -4.46 3.44
CA PHE A 28 6.79 -3.61 4.02
C PHE A 28 7.07 -3.98 5.47
N GLN A 29 6.55 -5.11 5.95
CA GLN A 29 6.90 -5.52 7.30
C GLN A 29 8.29 -6.13 7.31
N ILE A 30 8.94 -6.13 8.48
CA ILE A 30 10.22 -6.84 8.68
C ILE A 30 10.03 -8.30 8.29
N PRO A 31 11.08 -8.95 7.72
CA PRO A 31 10.97 -10.36 7.30
C PRO A 31 10.43 -11.33 8.36
N GLU A 32 10.83 -11.11 9.61
CA GLU A 32 10.40 -11.97 10.74
C GLU A 32 8.88 -11.97 10.82
N LEU A 33 8.25 -10.83 10.53
CA LEU A 33 6.78 -10.69 10.65
C LEU A 33 6.12 -11.20 9.38
N GLN A 34 6.69 -10.91 8.20
CA GLN A 34 6.21 -11.56 6.97
C GLN A 34 6.19 -13.08 7.18
N ASP A 35 7.21 -13.65 7.82
CA ASP A 35 7.37 -15.13 7.87
C ASP A 35 6.36 -15.77 8.84
N ILE A 36 5.83 -15.03 9.82
CA ILE A 36 4.87 -15.59 10.79
C ILE A 36 3.43 -15.33 10.32
N ALA A 37 3.24 -14.49 9.28
CA ALA A 37 1.91 -14.13 8.77
C ALA A 37 1.29 -15.29 7.96
N ASP A 38 -0.03 -15.41 8.01
CA ASP A 38 -0.80 -16.33 7.16
C ASP A 38 -0.80 -15.83 5.71
N PHE A 39 -0.84 -14.50 5.50
CA PHE A 39 -0.86 -13.91 4.16
C PHE A 39 -0.03 -12.64 4.20
N VAL A 40 0.78 -12.43 3.17
CA VAL A 40 1.56 -11.19 2.99
C VAL A 40 1.15 -10.60 1.65
N GLY A 41 0.87 -9.30 1.60
CA GLY A 41 0.51 -8.68 0.33
C GLY A 41 0.36 -7.18 0.46
N ASP A 42 -0.23 -6.61 -0.58
CA ASP A 42 -0.52 -5.17 -0.59
C ASP A 42 -1.84 -4.90 0.16
N SER A 43 -2.15 -3.63 0.39
CA SER A 43 -3.26 -3.25 1.31
C SER A 43 -4.60 -3.79 0.79
N LEU A 44 -4.85 -3.69 -0.51
CA LEU A 44 -6.12 -4.19 -1.08
C LEU A 44 -6.12 -5.72 -1.13
N GLN A 45 -5.00 -6.35 -1.47
CA GLN A 45 -4.92 -7.81 -1.46
C GLN A 45 -5.31 -8.29 -0.05
N LEU A 46 -4.84 -7.62 0.99
CA LEU A 46 -5.05 -8.10 2.38
C LEU A 46 -6.51 -7.90 2.80
N ALA A 47 -7.09 -6.78 2.37
CA ALA A 47 -8.50 -6.48 2.67
C ALA A 47 -9.40 -7.50 1.96
N ARG A 48 -9.11 -7.79 0.69
CA ARG A 48 -9.91 -8.74 -0.10
C ARG A 48 -9.72 -10.14 0.48
N LYS A 49 -8.51 -10.47 0.92
CA LYS A 49 -8.30 -11.79 1.53
C LYS A 49 -9.13 -11.90 2.80
N ALA A 50 -9.20 -10.82 3.58
CA ALA A 50 -9.91 -10.84 4.86
C ALA A 50 -11.41 -11.14 4.64
N MET A 51 -11.96 -10.62 3.54
CA MET A 51 -13.40 -10.80 3.17
C MET A 51 -13.69 -12.27 2.93
N GLU A 52 -12.67 -13.05 2.54
CA GLU A 52 -12.83 -14.48 2.23
C GLU A 52 -12.75 -15.37 3.48
N LEU A 53 -12.29 -14.85 4.61
CA LEU A 53 -11.95 -15.68 5.78
C LEU A 53 -13.20 -16.09 6.54
N SER A 54 -13.18 -17.32 7.09
CA SER A 54 -14.19 -17.80 8.03
CA SER A 54 -14.18 -17.82 8.05
C SER A 54 -13.90 -17.28 9.45
N GLU A 55 -12.61 -17.01 9.73
CA GLU A 55 -12.15 -16.50 11.04
C GLU A 55 -12.70 -15.09 11.23
N LYS A 56 -12.99 -14.71 12.48
CA LYS A 56 -13.57 -13.40 12.80
C LYS A 56 -12.58 -12.54 13.61
N LYS A 57 -11.31 -12.94 13.66
CA LYS A 57 -10.28 -12.18 14.38
C LYS A 57 -9.03 -12.08 13.53
N ILE A 58 -8.56 -10.84 13.36
CA ILE A 58 -7.41 -10.57 12.49
C ILE A 58 -6.39 -9.78 13.30
N LEU A 59 -5.15 -10.24 13.25
CA LEU A 59 -4.01 -9.43 13.67
C LEU A 59 -3.39 -8.84 12.40
N PHE A 60 -3.46 -7.53 12.28
CA PHE A 60 -2.98 -6.81 11.10
C PHE A 60 -1.65 -6.12 11.35
N LEU A 61 -0.67 -6.40 10.47
CA LEU A 61 0.71 -5.87 10.56
C LEU A 61 1.01 -4.94 9.39
N GLY A 62 0.85 -3.65 9.62
CA GLY A 62 1.05 -2.60 8.61
C GLY A 62 0.90 -1.25 9.29
N VAL A 63 0.17 -0.34 8.65
CA VAL A 63 -0.07 0.99 9.24
C VAL A 63 -1.58 1.22 9.26
N ASP A 64 -2.00 2.25 9.97
CA ASP A 64 -3.37 2.43 10.43
C ASP A 64 -4.36 2.43 9.26
N PHE A 65 -4.10 3.17 8.19
CA PHE A 65 -5.12 3.36 7.12
C PHE A 65 -5.45 1.99 6.53
N MET A 66 -4.47 1.07 6.53
CA MET A 66 -4.62 -0.27 5.93
C MET A 66 -5.42 -1.16 6.86
N ALA A 67 -5.11 -1.16 8.13
CA ALA A 67 -5.88 -1.89 9.17
C ALA A 67 -7.33 -1.40 9.12
N GLU A 68 -7.53 -0.11 8.93
CA GLU A 68 -8.88 0.48 8.88
C GLU A 68 -9.57 0.04 7.58
N LEU A 69 -8.85 -0.04 6.47
CA LEU A 69 -9.40 -0.57 5.21
C LEU A 69 -9.95 -1.98 5.46
N VAL A 70 -9.15 -2.85 6.08
CA VAL A 70 -9.60 -4.20 6.44
C VAL A 70 -10.89 -4.08 7.25
N LYS A 71 -10.91 -3.24 8.29
CA LYS A 71 -12.09 -3.09 9.15
C LYS A 71 -13.30 -2.58 8.35
N ILE A 72 -13.13 -1.57 7.49
CA ILE A 72 -14.25 -1.04 6.66
C ILE A 72 -14.90 -2.18 5.84
N LEU A 73 -14.09 -3.04 5.23
CA LEU A 73 -14.59 -4.14 4.36
C LEU A 73 -14.94 -5.38 5.18
N ASN A 74 -14.64 -5.38 6.48
CA ASN A 74 -14.91 -6.55 7.35
C ASN A 74 -15.42 -6.05 8.68
N PRO A 75 -16.51 -5.26 8.71
CA PRO A 75 -16.91 -4.54 9.93
C PRO A 75 -17.16 -5.43 11.15
N ASP A 76 -17.57 -6.68 10.92
CA ASP A 76 -17.98 -7.58 12.02
C ASP A 76 -16.80 -8.43 12.49
N LYS A 77 -15.59 -8.20 11.99
CA LYS A 77 -14.40 -8.90 12.51
C LYS A 77 -13.66 -8.04 13.51
N LYS A 78 -13.01 -8.66 14.50
CA LYS A 78 -12.11 -7.95 15.43
C LYS A 78 -10.75 -7.84 14.74
N VAL A 79 -10.32 -6.60 14.45
CA VAL A 79 -9.01 -6.32 13.85
C VAL A 79 -8.16 -5.64 14.92
N ILE A 80 -7.00 -6.20 15.24
CA ILE A 80 -6.06 -5.60 16.22
C ILE A 80 -4.73 -5.32 15.51
N VAL A 81 -4.00 -4.33 16.03
CA VAL A 81 -2.66 -3.95 15.53
C VAL A 81 -1.74 -3.84 16.72
N PRO A 82 -0.45 -4.18 16.58
CA PRO A 82 0.47 -4.12 17.72
C PRO A 82 0.93 -2.72 18.11
N ASP A 83 0.98 -1.78 17.15
CA ASP A 83 1.38 -0.39 17.42
C ASP A 83 0.33 0.53 16.83
N ARG A 84 -0.46 1.14 17.71
CA ARG A 84 -1.60 1.97 17.30
C ARG A 84 -1.14 3.30 16.69
N SER A 85 0.15 3.64 16.78
CA SER A 85 0.71 4.89 16.20
C SER A 85 1.24 4.64 14.78
N ALA A 86 1.36 3.39 14.36
CA ALA A 86 1.85 3.08 12.99
C ALA A 86 0.88 3.71 12.00
N THR A 87 1.38 4.68 11.23
CA THR A 87 0.57 5.55 10.37
C THR A 87 1.39 5.90 9.12
N CYS A 88 0.76 6.59 8.18
CA CYS A 88 1.40 7.05 6.95
C CYS A 88 1.48 8.58 6.99
N PRO A 89 2.68 9.18 7.17
CA PRO A 89 2.77 10.63 7.25
C PRO A 89 2.21 11.30 5.99
N MET A 90 2.40 10.70 4.83
CA MET A 90 1.90 11.25 3.55
C MET A 90 0.37 11.29 3.58
N ALA A 91 -0.26 10.19 4.00
CA ALA A 91 -1.73 10.16 4.08
C ALA A 91 -2.17 11.32 4.97
N ASN A 92 -1.44 11.56 6.06
CA ASN A 92 -1.93 12.40 7.15
C ASN A 92 -1.86 13.87 6.72
N ARG A 93 -1.08 14.19 5.69
CA ARG A 93 -0.93 15.58 5.20
C ARG A 93 -2.17 16.01 4.40
N LEU A 94 -3.02 15.06 3.97
CA LEU A 94 -4.26 15.47 3.31
C LEU A 94 -5.38 15.52 4.35
N THR A 95 -6.20 16.58 4.30
CA THR A 95 -7.21 16.88 5.31
C THR A 95 -8.58 17.03 4.67
N PRO A 96 -9.67 16.87 5.44
CA PRO A 96 -11.01 17.19 4.96
C PRO A 96 -11.15 18.62 4.43
N GLU A 97 -10.46 19.56 5.08
CA GLU A 97 -10.54 21.00 4.76
C GLU A 97 -10.01 21.22 3.34
N ILE A 98 -8.88 20.58 3.01
CA ILE A 98 -8.23 20.71 1.67
C ILE A 98 -9.14 20.06 0.62
N ILE A 99 -9.74 18.88 0.91
CA ILE A 99 -10.61 18.23 -0.08
C ILE A 99 -11.80 19.16 -0.38
N ARG A 100 -12.41 19.69 0.67
CA ARG A 100 -13.61 20.53 0.52
C ARG A 100 -13.24 21.80 -0.25
N GLU A 101 -12.06 22.36 0.04
CA GLU A 101 -11.57 23.59 -0.64
C GLU A 101 -11.51 23.30 -2.14
N TYR A 102 -10.93 22.16 -2.51
CA TYR A 102 -10.69 21.84 -3.93
C TYR A 102 -11.97 21.45 -4.65
N ARG A 103 -12.89 20.75 -3.99
CA ARG A 103 -14.23 20.45 -4.56
C ARG A 103 -14.96 21.75 -4.89
N GLU A 104 -14.89 22.74 -3.99
CA GLU A 104 -15.54 24.05 -4.17
C GLU A 104 -14.99 24.75 -5.41
N LYS A 105 -13.66 24.71 -5.59
CA LYS A 105 -12.95 25.36 -6.72
C LYS A 105 -13.15 24.59 -8.03
N PHE A 106 -13.14 23.26 -7.98
CA PHE A 106 -13.35 22.44 -9.19
C PHE A 106 -14.50 21.46 -8.97
N PRO A 107 -15.78 21.94 -8.94
CA PRO A 107 -16.91 21.10 -8.57
C PRO A 107 -17.20 20.01 -9.60
N ASP A 108 -16.67 20.15 -10.82
CA ASP A 108 -16.92 19.15 -11.88
C ASP A 108 -15.85 18.05 -11.88
N ALA A 109 -14.80 18.14 -11.03
CA ALA A 109 -13.69 17.17 -10.99
C ALA A 109 -13.92 16.13 -9.90
N PRO A 110 -14.07 14.83 -10.24
CA PRO A 110 -14.21 13.79 -9.23
C PRO A 110 -12.98 13.74 -8.32
N VAL A 111 -13.21 13.47 -7.04
CA VAL A 111 -12.12 13.34 -6.06
C VAL A 111 -11.67 11.89 -6.04
N VAL A 112 -10.46 11.67 -6.55
CA VAL A 112 -9.87 10.31 -6.65
C VAL A 112 -8.80 10.22 -5.57
N LEU A 113 -9.04 9.38 -4.57
CA LEU A 113 -8.09 9.31 -3.44
CA LEU A 113 -8.14 9.28 -3.41
C LEU A 113 -7.35 7.97 -3.49
N TYR A 114 -6.03 8.07 -3.50
CA TYR A 114 -5.14 6.92 -3.36
C TYR A 114 -5.50 6.22 -2.05
N VAL A 115 -5.45 4.91 -2.04
CA VAL A 115 -5.82 4.13 -0.84
C VAL A 115 -4.95 4.55 0.35
N ASN A 116 -3.76 5.12 0.09
CA ASN A 116 -2.87 5.65 1.14
C ASN A 116 -3.41 7.03 1.52
N SER A 117 -4.44 7.00 2.36
CA SER A 117 -5.24 8.18 2.72
C SER A 117 -5.95 7.83 4.01
N THR A 118 -6.28 8.83 4.82
CA THR A 118 -6.97 8.54 6.08
C THR A 118 -8.40 8.07 5.80
N SER A 119 -8.94 7.28 6.71
CA SER A 119 -10.34 6.83 6.57
C SER A 119 -11.29 8.03 6.52
N GLU A 120 -11.00 9.08 7.30
CA GLU A 120 -11.83 10.30 7.31
C GLU A 120 -11.82 10.90 5.91
N CYS A 121 -10.67 10.93 5.25
CA CYS A 121 -10.55 11.48 3.89
C CYS A 121 -11.32 10.57 2.94
N LYS A 122 -11.31 9.25 3.17
CA LYS A 122 -12.04 8.35 2.26
C LYS A 122 -13.54 8.66 2.31
N THR A 123 -14.05 9.11 3.46
CA THR A 123 -15.48 9.44 3.58
C THR A 123 -15.86 10.58 2.62
N LEU A 124 -14.88 11.36 2.19
CA LEU A 124 -15.13 12.51 1.32
C LEU A 124 -14.75 12.24 -0.14
N ALA A 125 -14.31 11.02 -0.49
CA ALA A 125 -13.80 10.76 -1.85
C ALA A 125 -14.94 10.31 -2.75
N ASP A 126 -14.81 10.58 -4.04
CA ASP A 126 -15.71 9.99 -5.06
C ASP A 126 -15.28 8.57 -5.38
N VAL A 127 -13.97 8.33 -5.47
CA VAL A 127 -13.48 6.96 -5.77
C VAL A 127 -12.12 6.75 -5.11
N ILE A 128 -11.86 5.53 -4.64
CA ILE A 128 -10.53 5.13 -4.15
C ILE A 128 -9.76 4.52 -5.33
N CYS A 129 -8.43 4.58 -5.28
CA CYS A 129 -7.59 3.83 -6.25
C CYS A 129 -6.36 3.30 -5.55
N THR A 130 -5.76 2.27 -6.15
CA THR A 130 -4.45 1.73 -5.73
C THR A 130 -3.41 2.17 -6.76
N SER A 131 -2.13 1.97 -6.45
CA SER A 131 -1.06 2.29 -7.41
C SER A 131 -1.21 1.43 -8.66
N ALA A 132 -1.72 0.19 -8.56
CA ALA A 132 -1.93 -0.68 -9.72
C ALA A 132 -3.11 -0.22 -10.60
N ASN A 133 -4.20 0.27 -10.02
CA ASN A 133 -5.44 0.46 -10.80
C ASN A 133 -5.69 1.95 -11.09
N ALA A 134 -4.84 2.85 -10.59
CA ALA A 134 -5.11 4.29 -10.62
C ALA A 134 -5.37 4.77 -12.05
N VAL A 135 -4.53 4.31 -13.00
CA VAL A 135 -4.61 4.72 -14.41
C VAL A 135 -5.96 4.25 -14.96
N GLU A 136 -6.32 2.98 -14.70
CA GLU A 136 -7.53 2.37 -15.24
C GLU A 136 -8.76 3.05 -14.63
N VAL A 137 -8.70 3.32 -13.33
CA VAL A 137 -9.83 4.00 -12.62
C VAL A 137 -10.06 5.36 -13.28
N VAL A 138 -8.99 6.14 -13.40
CA VAL A 138 -9.08 7.54 -13.89
C VAL A 138 -9.48 7.56 -15.36
N LYS A 139 -9.04 6.58 -16.16
CA LYS A 139 -9.45 6.42 -17.57
C LYS A 139 -10.96 6.24 -17.67
N LYS A 140 -11.52 5.44 -16.77
CA LYS A 140 -12.92 5.04 -16.86
C LYS A 140 -13.86 6.11 -16.30
N LEU A 141 -13.37 7.08 -15.54
CA LEU A 141 -14.24 8.18 -15.07
C LEU A 141 -14.69 9.00 -16.28
N ASP A 142 -15.91 9.57 -16.21
CA ASP A 142 -16.45 10.40 -17.31
C ASP A 142 -15.53 11.60 -17.54
N SER A 143 -15.11 12.23 -16.44
CA SER A 143 -14.40 13.52 -16.43
C SER A 143 -13.03 13.40 -17.09
N SER A 144 -12.59 14.47 -17.76
CA SER A 144 -11.22 14.60 -18.29
C SER A 144 -10.40 15.44 -17.31
N VAL A 145 -10.99 15.77 -16.16
CA VAL A 145 -10.27 16.44 -15.06
C VAL A 145 -10.59 15.69 -13.77
N VAL A 146 -9.57 15.41 -12.96
CA VAL A 146 -9.81 14.82 -11.63
C VAL A 146 -8.94 15.54 -10.60
N ILE A 147 -9.44 15.57 -9.36
CA ILE A 147 -8.70 15.89 -8.14
C ILE A 147 -8.12 14.58 -7.60
N PHE A 148 -6.85 14.62 -7.25
CA PHE A 148 -6.11 13.39 -6.90
C PHE A 148 -5.17 13.67 -5.74
N GLY A 149 -5.20 12.77 -4.76
CA GLY A 149 -4.29 12.87 -3.61
C GLY A 149 -4.20 11.53 -2.89
N PRO A 150 -3.26 11.39 -1.94
CA PRO A 150 -2.36 12.48 -1.54
C PRO A 150 -0.96 12.47 -2.16
N ASP A 151 -0.74 11.68 -3.20
CA ASP A 151 0.62 11.50 -3.74
C ASP A 151 0.72 12.24 -5.08
N ARG A 152 1.48 13.31 -5.11
CA ARG A 152 1.65 14.10 -6.35
C ARG A 152 2.35 13.29 -7.45
N ASN A 153 3.35 12.45 -7.11
CA ASN A 153 4.04 11.61 -8.10
C ASN A 153 3.06 10.64 -8.78
N LEU A 154 2.30 9.88 -8.00
CA LEU A 154 1.34 8.96 -8.63
C LEU A 154 0.32 9.75 -9.47
N GLY A 155 -0.09 10.93 -9.00
CA GLY A 155 -1.06 11.76 -9.72
C GLY A 155 -0.52 12.16 -11.08
N GLU A 156 0.75 12.54 -11.12
CA GLU A 156 1.42 12.99 -12.35
C GLU A 156 1.60 11.81 -13.31
N TYR A 157 1.97 10.65 -12.78
CA TYR A 157 2.04 9.39 -13.55
C TYR A 157 0.67 9.15 -14.21
N VAL A 158 -0.39 9.29 -13.44
CA VAL A 158 -1.76 9.00 -13.94
C VAL A 158 -2.06 9.97 -15.10
N ALA A 159 -1.72 11.25 -14.93
CA ALA A 159 -1.92 12.27 -15.97
C ALA A 159 -1.18 11.87 -17.26
N GLU A 160 0.07 11.43 -17.13
CA GLU A 160 0.89 10.99 -18.28
C GLU A 160 0.18 9.84 -19.01
N LYS A 161 -0.29 8.83 -18.27
CA LYS A 161 -0.83 7.61 -18.89
C LYS A 161 -2.24 7.83 -19.43
N THR A 162 -3.02 8.73 -18.84
CA THR A 162 -4.44 8.89 -19.22
C THR A 162 -4.58 10.05 -20.19
N GLY A 163 -3.64 11.00 -20.15
CA GLY A 163 -3.77 12.26 -20.88
C GLY A 163 -4.81 13.21 -20.25
N LYS A 164 -5.34 12.84 -19.07
CA LYS A 164 -6.31 13.68 -18.37
C LYS A 164 -5.57 14.70 -17.50
N LYS A 165 -6.30 15.73 -17.10
CA LYS A 165 -5.77 16.75 -16.18
C LYS A 165 -5.99 16.24 -14.76
N VAL A 166 -4.92 16.19 -13.98
CA VAL A 166 -4.94 15.72 -12.58
C VAL A 166 -4.47 16.85 -11.67
N ILE A 167 -5.39 17.38 -10.86
CA ILE A 167 -5.13 18.42 -9.85
C ILE A 167 -4.73 17.74 -8.53
N THR A 168 -3.44 17.83 -8.19
CA THR A 168 -2.89 17.05 -7.07
C THR A 168 -3.06 17.86 -5.78
N ILE A 169 -3.39 17.15 -4.71
CA ILE A 169 -3.52 17.72 -3.34
C ILE A 169 -2.95 16.69 -2.39
N PRO A 170 -2.33 17.10 -1.26
CA PRO A 170 -2.08 18.49 -0.94
C PRO A 170 -0.88 18.98 -1.75
N GLU A 171 -0.40 20.19 -1.44
CA GLU A 171 0.81 20.74 -2.08
CA GLU A 171 0.80 20.71 -2.13
C GLU A 171 2.00 19.85 -1.70
N ASN A 172 2.74 19.37 -2.70
CA ASN A 172 3.95 18.56 -2.48
C ASN A 172 3.65 17.26 -1.73
N GLY A 173 2.48 16.67 -1.96
CA GLY A 173 2.14 15.33 -1.45
C GLY A 173 3.10 14.30 -1.99
N HIS A 174 3.86 13.64 -1.13
CA HIS A 174 4.80 12.62 -1.61
C HIS A 174 5.12 11.62 -0.50
N CYS A 175 5.69 10.49 -0.89
CA CYS A 175 6.16 9.44 0.03
C CYS A 175 7.67 9.53 0.13
N PRO A 176 8.25 9.86 1.30
CA PRO A 176 9.70 10.08 1.45
C PRO A 176 10.49 8.82 1.11
N VAL A 177 9.88 7.67 1.33
CA VAL A 177 10.51 6.36 1.13
C VAL A 177 10.86 6.15 -0.36
N HIS A 178 10.07 6.72 -1.28
CA HIS A 178 10.25 6.45 -2.72
C HIS A 178 11.03 7.57 -3.43
N GLN A 179 11.65 8.51 -2.71
CA GLN A 179 12.42 9.58 -3.35
C GLN A 179 13.85 9.08 -3.60
N PHE A 180 13.99 8.09 -4.46
CA PHE A 180 15.30 7.63 -4.94
C PHE A 180 15.87 8.69 -5.87
N ASN A 181 17.19 8.69 -6.03
CA ASN A 181 17.92 9.54 -7.00
C ASN A 181 17.98 8.78 -8.33
N ALA A 182 17.75 9.45 -9.46
CA ALA A 182 17.89 8.86 -10.81
C ALA A 182 19.31 8.30 -11.03
N GLU A 183 20.26 8.84 -10.26
CA GLU A 183 21.70 8.50 -10.38
C GLU A 183 21.93 7.07 -9.90
N SER A 184 21.12 6.60 -8.95
CA SER A 184 21.13 5.19 -8.52
C SER A 184 20.84 4.28 -9.72
N ILE A 185 19.94 4.66 -10.64
CA ILE A 185 19.67 3.80 -11.80
C ILE A 185 20.90 3.78 -12.72
N ASP A 186 21.49 4.95 -12.99
CA ASP A 186 22.69 5.08 -13.83
C ASP A 186 23.78 4.15 -13.29
N ALA A 187 23.97 4.14 -11.97
CA ALA A 187 24.99 3.31 -11.32
C ALA A 187 24.69 1.81 -11.46
N VAL A 188 23.44 1.33 -11.30
CA VAL A 188 23.16 -0.12 -11.39
C VAL A 188 23.20 -0.59 -12.83
N ARG A 189 22.87 0.28 -13.79
CA ARG A 189 22.97 -0.09 -15.22
C ARG A 189 24.42 -0.46 -15.57
N LYS A 190 25.39 0.30 -15.05
CA LYS A 190 26.82 0.04 -15.24
C LYS A 190 27.20 -1.28 -14.54
N LYS A 191 26.75 -1.44 -13.29
CA LYS A 191 27.18 -2.56 -12.45
C LYS A 191 26.54 -3.88 -12.90
N TYR A 192 25.24 -3.87 -13.21
CA TYR A 192 24.51 -5.05 -13.74
C TYR A 192 23.83 -4.67 -15.04
N PRO A 193 24.58 -4.68 -16.18
CA PRO A 193 24.06 -4.28 -17.48
C PRO A 193 22.76 -4.96 -17.93
N ASP A 194 22.52 -6.21 -17.50
CA ASP A 194 21.38 -7.00 -17.96
C ASP A 194 20.25 -7.01 -16.92
N ALA A 195 20.40 -6.27 -15.82
CA ALA A 195 19.37 -6.23 -14.78
C ALA A 195 18.16 -5.43 -15.27
N LYS A 196 16.96 -5.83 -14.84
CA LYS A 196 15.72 -5.09 -15.15
C LYS A 196 15.41 -4.23 -13.93
N VAL A 197 15.23 -2.92 -14.15
CA VAL A 197 14.91 -1.96 -13.06
C VAL A 197 13.39 -1.78 -13.01
N ILE A 198 12.81 -2.17 -11.88
CA ILE A 198 11.38 -1.97 -11.57
C ILE A 198 11.30 -0.92 -10.46
N VAL A 199 10.54 0.18 -10.68
CA VAL A 199 10.32 1.20 -9.63
C VAL A 199 8.83 1.45 -9.47
N HIS A 200 8.44 1.98 -8.29
CA HIS A 200 7.08 2.35 -7.90
C HIS A 200 6.64 3.62 -8.64
N PRO A 201 5.36 3.76 -9.01
CA PRO A 201 4.90 5.05 -9.55
C PRO A 201 4.93 6.23 -8.56
N GLU A 202 5.04 5.98 -7.25
CA GLU A 202 5.30 7.05 -6.27
C GLU A 202 6.73 7.61 -6.41
N CYS A 203 7.60 6.98 -7.20
CA CYS A 203 8.96 7.49 -7.38
C CYS A 203 8.86 8.76 -8.20
N PRO A 204 9.83 9.68 -8.11
CA PRO A 204 9.80 10.88 -8.96
C PRO A 204 10.00 10.54 -10.44
N LYS A 205 9.57 11.47 -11.31
CA LYS A 205 9.46 11.24 -12.75
C LYS A 205 10.81 10.81 -13.33
N PRO A 206 11.95 11.45 -12.99
CA PRO A 206 13.24 11.05 -13.55
C PRO A 206 13.60 9.59 -13.26
N VAL A 207 13.13 9.07 -12.11
CA VAL A 207 13.37 7.67 -11.71
C VAL A 207 12.44 6.77 -12.52
N ARG A 208 11.16 7.12 -12.61
CA ARG A 208 10.18 6.34 -13.36
C ARG A 208 10.69 6.20 -14.80
N ASP A 209 11.13 7.32 -15.39
CA ASP A 209 11.46 7.39 -16.82
C ASP A 209 12.74 6.61 -17.16
N LYS A 210 13.63 6.38 -16.19
CA LYS A 210 14.84 5.57 -16.39
C LYS A 210 14.63 4.09 -16.08
N ALA A 211 13.45 3.68 -15.61
CA ALA A 211 13.20 2.29 -15.20
C ALA A 211 12.78 1.47 -16.42
N ASP A 212 12.95 0.16 -16.34
CA ASP A 212 12.41 -0.78 -17.34
C ASP A 212 10.90 -0.93 -17.13
N TYR A 213 10.48 -1.01 -15.87
CA TYR A 213 9.07 -1.18 -15.47
C TYR A 213 8.71 -0.20 -14.35
N VAL A 214 7.48 0.31 -14.41
CA VAL A 214 6.91 1.10 -13.29
C VAL A 214 5.71 0.31 -12.81
N GLY A 215 5.61 0.05 -11.51
CA GLY A 215 4.51 -0.76 -11.01
C GLY A 215 4.41 -0.73 -9.51
N SER A 216 3.22 -1.06 -9.03
CA SER A 216 2.91 -1.30 -7.61
C SER A 216 3.71 -2.49 -7.10
N THR A 217 3.72 -2.72 -5.79
CA THR A 217 4.38 -3.92 -5.25
C THR A 217 3.72 -5.19 -5.84
N GLY A 218 2.38 -5.19 -5.92
CA GLY A 218 1.64 -6.33 -6.48
C GLY A 218 2.07 -6.59 -7.92
N GLN A 219 2.33 -5.52 -8.66
CA GLN A 219 2.77 -5.66 -10.07
C GLN A 219 4.22 -6.14 -10.13
N MET A 220 5.06 -5.60 -9.26
CA MET A 220 6.47 -6.03 -9.18
C MET A 220 6.57 -7.54 -8.97
N GLU A 221 5.73 -8.16 -8.11
CA GLU A 221 5.88 -9.60 -7.83
CA GLU A 221 5.89 -9.60 -7.82
C GLU A 221 5.32 -10.44 -8.97
N LYS A 222 4.67 -9.82 -9.96
CA LYS A 222 4.17 -10.56 -11.13
C LYS A 222 5.15 -10.46 -12.30
N ILE A 223 6.03 -9.46 -12.30
CA ILE A 223 6.93 -9.26 -13.46
C ILE A 223 7.84 -10.47 -13.71
N PRO A 224 8.46 -11.12 -12.70
CA PRO A 224 9.29 -12.29 -12.97
C PRO A 224 8.53 -13.50 -13.52
N GLU A 225 7.20 -13.48 -13.44
CA GLU A 225 6.37 -14.54 -14.07
C GLU A 225 6.37 -14.41 -15.59
N ARG A 226 6.68 -13.23 -16.14
CA ARG A 226 6.72 -13.03 -17.60
C ARG A 226 8.11 -12.59 -18.09
N ASP A 227 8.99 -12.11 -17.21
CA ASP A 227 10.33 -11.63 -17.60
C ASP A 227 11.33 -12.62 -17.03
N PRO A 228 12.09 -13.37 -17.87
CA PRO A 228 13.02 -14.36 -17.34
C PRO A 228 14.37 -13.83 -16.83
N SER A 229 14.55 -12.51 -16.77
CA SER A 229 15.80 -11.84 -16.34
CA SER A 229 15.82 -11.88 -16.37
C SER A 229 16.27 -12.43 -15.00
N ARG A 230 17.59 -12.58 -14.87
CA ARG A 230 18.20 -13.18 -13.68
C ARG A 230 18.24 -12.16 -12.55
N ILE A 231 18.41 -10.87 -12.89
CA ILE A 231 18.57 -9.83 -11.86
C ILE A 231 17.51 -8.73 -12.04
N PHE A 232 16.84 -8.40 -10.94
CA PHE A 232 15.92 -7.25 -10.89
C PHE A 232 16.38 -6.27 -9.82
N VAL A 233 16.41 -5.00 -10.19
CA VAL A 233 16.69 -3.90 -9.26
C VAL A 233 15.34 -3.31 -8.87
N ILE A 234 15.12 -3.11 -7.57
CA ILE A 234 13.78 -2.83 -7.02
C ILE A 234 13.76 -1.46 -6.34
N GLY A 235 13.00 -0.52 -6.92
CA GLY A 235 12.81 0.81 -6.35
C GLY A 235 11.53 0.88 -5.55
N THR A 236 11.52 0.20 -4.39
CA THR A 236 10.50 0.42 -3.35
C THR A 236 11.11 0.15 -1.98
N GLU A 237 10.24 0.06 -0.97
CA GLU A 237 10.62 -0.13 0.43
C GLU A 237 11.25 -1.53 0.57
N ILE A 238 12.24 -1.64 1.44
CA ILE A 238 13.19 -2.78 1.52
C ILE A 238 12.44 -4.09 1.81
N GLY A 239 11.27 -4.00 2.46
CA GLY A 239 10.51 -5.22 2.77
C GLY A 239 10.15 -6.04 1.52
N MET A 240 10.06 -5.37 0.38
CA MET A 240 9.67 -6.06 -0.86
C MET A 240 10.78 -7.02 -1.33
N ILE A 241 12.05 -6.76 -0.98
CA ILE A 241 13.20 -7.62 -1.39
C ILE A 241 12.99 -9.00 -0.81
N HIS A 242 12.59 -9.07 0.46
CA HIS A 242 12.37 -10.35 1.15
C HIS A 242 11.23 -11.09 0.46
N LYS A 243 10.11 -10.39 0.23
CA LYS A 243 8.91 -10.94 -0.43
C LYS A 243 9.31 -11.54 -1.78
N LEU A 244 9.98 -10.77 -2.62
CA LEU A 244 10.37 -11.18 -3.98
C LEU A 244 11.32 -12.39 -3.94
N LYS A 245 12.32 -12.36 -3.04
CA LYS A 245 13.35 -13.42 -2.98
C LYS A 245 12.70 -14.73 -2.53
N LYS A 246 11.69 -14.67 -1.66
CA LYS A 246 10.92 -15.87 -1.25
C LYS A 246 10.12 -16.40 -2.44
N LYS A 247 9.49 -15.54 -3.24
CA LYS A 247 8.60 -16.02 -4.33
CA LYS A 247 8.61 -16.02 -4.32
C LYS A 247 9.45 -16.57 -5.47
N PHE A 248 10.59 -15.92 -5.74
CA PHE A 248 11.48 -16.27 -6.88
C PHE A 248 12.89 -16.52 -6.39
N PRO A 249 13.14 -17.65 -5.69
CA PRO A 249 14.47 -17.94 -5.15
C PRO A 249 15.55 -18.09 -6.22
N ASP A 250 15.15 -18.32 -7.48
CA ASP A 250 16.01 -18.50 -8.67
C ASP A 250 16.50 -17.15 -9.22
N ARG A 251 16.00 -16.02 -8.74
CA ARG A 251 16.45 -14.72 -9.29
C ARG A 251 17.17 -13.93 -8.19
N GLU A 252 17.82 -12.85 -8.60
CA GLU A 252 18.46 -11.92 -7.66
C GLU A 252 17.69 -10.60 -7.64
N PHE A 253 17.41 -10.12 -6.42
CA PHE A 253 16.68 -8.86 -6.20
C PHE A 253 17.59 -7.90 -5.45
N VAL A 254 17.85 -6.75 -6.07
CA VAL A 254 18.82 -5.77 -5.57
C VAL A 254 18.07 -4.49 -5.27
N PRO A 255 18.16 -3.96 -4.03
CA PRO A 255 17.50 -2.69 -3.73
C PRO A 255 18.11 -1.55 -4.55
N LEU A 256 17.28 -0.73 -5.18
CA LEU A 256 17.80 0.42 -5.93
C LEU A 256 18.63 1.27 -4.96
N GLU A 257 18.07 1.58 -3.79
CA GLU A 257 18.76 2.06 -2.58
C GLU A 257 18.09 1.41 -1.38
N MET A 258 18.74 1.45 -0.23
CA MET A 258 18.08 1.09 1.04
C MET A 258 17.03 2.18 1.34
N ALA A 259 15.77 1.77 1.43
CA ALA A 259 14.65 2.69 1.71
C ALA A 259 13.76 2.02 2.75
N VAL A 260 13.63 2.65 3.92
CA VAL A 260 12.93 2.06 5.08
C VAL A 260 11.78 2.99 5.47
N CYS A 261 10.58 2.44 5.58
CA CYS A 261 9.41 3.17 6.11
C CYS A 261 9.42 2.99 7.62
N VAL A 262 9.71 4.08 8.34
CA VAL A 262 9.88 4.02 9.80
C VAL A 262 8.58 3.52 10.44
N ASN A 263 7.45 4.00 9.97
CA ASN A 263 6.15 3.57 10.51
C ASN A 263 5.91 2.07 10.32
N MET A 264 6.24 1.54 9.14
CA MET A 264 6.12 0.10 8.88
C MET A 264 7.01 -0.68 9.85
N LYS A 265 8.17 -0.13 10.20
CA LYS A 265 9.12 -0.84 11.09
C LYS A 265 8.77 -0.69 12.57
N LYS A 266 7.67 -0.01 12.92
CA LYS A 266 7.24 0.09 14.34
C LYS A 266 6.74 -1.27 14.81
N ASN A 267 6.35 -2.13 13.88
CA ASN A 267 5.83 -3.45 14.30
C ASN A 267 7.00 -4.41 14.43
N THR A 268 7.03 -5.15 15.53
CA THR A 268 8.16 -5.99 15.93
C THR A 268 7.61 -7.34 16.37
N LEU A 269 8.48 -8.34 16.50
CA LEU A 269 8.09 -9.61 17.12
C LEU A 269 7.55 -9.37 18.55
N GLU A 270 8.24 -8.56 19.36
CA GLU A 270 7.85 -8.30 20.75
C GLU A 270 6.44 -7.72 20.82
N ASN A 271 6.17 -6.63 20.09
CA ASN A 271 4.86 -5.94 20.23
C ASN A 271 3.77 -6.73 19.51
N THR A 272 4.13 -7.57 18.53
CA THR A 272 3.18 -8.53 17.93
C THR A 272 2.80 -9.58 18.99
N LEU A 273 3.78 -10.07 19.75
CA LEU A 273 3.48 -11.05 20.81
C LEU A 273 2.56 -10.40 21.85
N HIS A 274 2.85 -9.16 22.25
CA HIS A 274 2.04 -8.41 23.23
C HIS A 274 0.59 -8.26 22.73
N ALA A 275 0.43 -8.03 21.43
CA ALA A 275 -0.88 -7.87 20.79
C ALA A 275 -1.69 -9.16 20.92
N LEU A 276 -1.08 -10.32 20.71
CA LEU A 276 -1.83 -11.59 20.85
C LEU A 276 -2.09 -11.92 22.32
N GLN A 277 -1.14 -11.62 23.22
CA GLN A 277 -1.36 -11.82 24.66
C GLN A 277 -2.55 -10.99 25.14
N THR A 278 -2.62 -9.71 24.76
CA THR A 278 -3.63 -8.79 25.31
C THR A 278 -4.89 -8.69 24.43
N GLU A 279 -4.81 -9.18 23.19
CA GLU A 279 -5.82 -9.00 22.15
C GLU A 279 -6.11 -7.50 21.95
N SER A 280 -5.06 -6.69 21.86
CA SER A 280 -5.12 -5.23 21.63
C SER A 280 -4.07 -4.90 20.58
N PHE A 281 -4.14 -3.75 19.88
CA PHE A 281 -5.16 -2.73 20.04
C PHE A 281 -6.20 -2.87 18.92
N GLU A 282 -7.47 -2.98 19.31
CA GLU A 282 -8.57 -3.14 18.36
C GLU A 282 -8.77 -1.86 17.56
N VAL A 283 -8.96 -2.05 16.26
CA VAL A 283 -9.24 -0.98 15.29
C VAL A 283 -10.76 -0.77 15.30
N ILE A 284 -11.17 0.42 15.73
CA ILE A 284 -12.61 0.75 15.86
C ILE A 284 -12.89 2.02 15.06
N LEU A 285 -13.86 1.97 14.16
CA LEU A 285 -14.26 3.15 13.38
C LEU A 285 -15.71 3.39 13.74
N PRO A 286 -16.19 4.65 13.81
CA PRO A 286 -17.61 4.89 13.93
C PRO A 286 -18.34 4.23 12.73
N LYS A 287 -19.52 3.70 12.97
CA LYS A 287 -20.34 3.05 11.92
C LYS A 287 -20.54 4.01 10.73
N GLU A 288 -20.71 5.31 11.01
CA GLU A 288 -20.94 6.32 9.96
C GLU A 288 -19.68 6.42 9.07
N VAL A 289 -18.49 6.30 9.67
CA VAL A 289 -17.24 6.41 8.90
C VAL A 289 -17.17 5.20 7.98
N ILE A 290 -17.51 4.05 8.52
CA ILE A 290 -17.47 2.81 7.73
C ILE A 290 -18.43 2.95 6.55
N GLU A 291 -19.66 3.39 6.80
CA GLU A 291 -20.71 3.47 5.75
CA GLU A 291 -20.68 3.42 5.73
C GLU A 291 -20.26 4.45 4.66
N LYS A 292 -19.76 5.59 5.08
CA LYS A 292 -19.35 6.61 4.11
C LYS A 292 -18.11 6.19 3.34
N ALA A 293 -17.07 5.70 4.00
CA ALA A 293 -15.80 5.32 3.36
C ALA A 293 -16.03 4.18 2.37
N LYS A 294 -17.02 3.32 2.66
CA LYS A 294 -17.33 2.17 1.79
C LYS A 294 -17.72 2.61 0.39
N LYS A 295 -18.39 3.75 0.27
CA LYS A 295 -19.01 4.19 -1.01
C LYS A 295 -17.93 4.31 -2.08
N PRO A 296 -16.86 5.12 -1.89
CA PRO A 296 -15.82 5.20 -2.92
C PRO A 296 -14.95 3.95 -3.11
N ILE A 297 -14.95 3.04 -2.15
CA ILE A 297 -14.29 1.73 -2.33
C ILE A 297 -15.14 0.87 -3.26
N LEU A 298 -16.45 0.80 -3.03
CA LEU A 298 -17.35 0.03 -3.92
C LEU A 298 -17.31 0.60 -5.35
N ARG A 299 -17.25 1.91 -5.50
CA ARG A 299 -17.15 2.55 -6.82
C ARG A 299 -15.91 2.01 -7.52
N MET A 300 -14.80 1.88 -6.78
CA MET A 300 -13.53 1.38 -7.31
C MET A 300 -13.74 -0.04 -7.83
N PHE A 301 -14.35 -0.90 -7.01
CA PHE A 301 -14.61 -2.30 -7.40
C PHE A 301 -15.49 -2.34 -8.65
N GLU A 302 -16.49 -1.45 -8.72
CA GLU A 302 -17.40 -1.35 -9.88
C GLU A 302 -16.62 -0.95 -11.13
N LEU A 303 -15.73 0.04 -11.03
CA LEU A 303 -14.99 0.54 -12.20
C LEU A 303 -14.02 -0.52 -12.71
N MET A 304 -13.41 -1.30 -11.80
CA MET A 304 -12.47 -2.38 -12.15
C MET A 304 -13.23 -3.70 -12.33
N GLY A 305 -14.55 -3.67 -12.23
CA GLY A 305 -15.42 -4.85 -12.20
C GLY A 305 -15.26 -5.74 -13.42
#